data_5AEZ
#
_entry.id   5AEZ
#
_cell.length_a   104.880
_cell.length_b   104.880
_cell.length_c   160.650
_cell.angle_alpha   90.00
_cell.angle_beta   90.00
_cell.angle_gamma   120.00
#
_symmetry.space_group_name_H-M   'H 3'
#
loop_
_entity.id
_entity.type
_entity.pdbx_description
1 polymer MEP2
2 non-polymer 'nonyl beta-D-glucopyranoside'
3 water water
#
_entity_poly.entity_id   1
_entity_poly.type   'polypeptide(L)'
_entity_poly.pdbx_seq_one_letter_code
;MSGQFTGTGTGGDVFKVDLNEQFDRADMVWIGTASVLVWIMIPGVGLLYSGISRKKHALSLMWAALMAACVAAFQWFWWG
YSLVFAHNGSVFLGTLQNFCLKDVLGAPSIVKTVPDILFCLYQGMFAAVTAILMAGAGCERARLGPMMVFLFIWLTVVYC
PIAYWTWGGNGWLVSLGALDFAGGGPVHENSGFAALAYSLWLGKRHDPVAKGKVPKYKPHSVSSIVMGTIFLWFGWYGFN
GGSTGNSSMRSWYACVNTNLAAATGGLTWMLVDWFRTGGKWSTVGLCMGAIAGLVGITPAAGYVPVYTSVIFGIVPAIIC
NFAVDLKDLLQIDDGMDVWALHGVGGFVGNFMTGLFAADYVAMIDGTEIDGGWMNHHWKQLGYQLAGSCAVAAWSFTVTS
IILLAMDRIPFLRIRLHEDEEMLGTDLAQIGEYAYYADDDPETNPYVLEPIRSTTISQPLPHIDGVADGSSNNDSGEAKN
HHHHHH
;
_entity_poly.pdbx_strand_id   A
#
# COMPACT_ATOMS: atom_id res chain seq x y z
N MET A 1 -29.51 -6.59 -28.54
CA MET A 1 -30.84 -6.06 -28.76
C MET A 1 -31.08 -4.79 -27.99
N SER A 2 -30.60 -3.64 -28.49
CA SER A 2 -29.86 -3.55 -29.74
C SER A 2 -28.42 -3.98 -29.51
N GLY A 3 -28.06 -4.15 -28.24
CA GLY A 3 -26.72 -4.56 -27.88
C GLY A 3 -25.72 -3.46 -28.11
N GLN A 4 -26.19 -2.25 -28.38
CA GLN A 4 -25.30 -1.13 -28.67
C GLN A 4 -24.78 -0.52 -27.37
N PHE A 5 -23.86 0.45 -27.46
CA PHE A 5 -23.16 0.91 -26.25
C PHE A 5 -24.14 1.54 -25.26
N THR A 6 -24.10 1.07 -24.03
CA THR A 6 -25.01 1.53 -22.98
C THR A 6 -24.27 2.27 -21.87
N GLY A 7 -22.98 1.98 -21.74
CA GLY A 7 -22.19 2.49 -20.63
C GLY A 7 -22.47 1.74 -19.33
N THR A 8 -23.26 0.68 -19.39
CA THR A 8 -23.61 -0.10 -18.20
C THR A 8 -23.45 -1.59 -18.49
N GLY A 9 -23.49 -2.40 -17.43
CA GLY A 9 -23.38 -3.84 -17.59
C GLY A 9 -22.10 -4.24 -18.31
N THR A 10 -22.23 -5.15 -19.28
CA THR A 10 -21.09 -5.58 -20.08
C THR A 10 -20.65 -4.52 -21.09
N GLY A 11 -21.49 -3.50 -21.29
CA GLY A 11 -21.16 -2.40 -22.17
C GLY A 11 -21.77 -2.55 -23.56
N GLY A 12 -22.24 -3.75 -23.87
CA GLY A 12 -22.81 -4.03 -25.18
C GLY A 12 -22.64 -5.50 -25.53
N ASP A 13 -23.26 -5.90 -26.64
CA ASP A 13 -23.25 -7.28 -27.10
C ASP A 13 -22.09 -7.47 -28.08
N VAL A 14 -21.11 -8.28 -27.70
CA VAL A 14 -19.94 -8.51 -28.56
C VAL A 14 -20.27 -9.02 -29.96
N PHE A 15 -21.43 -9.67 -30.12
CA PHE A 15 -21.82 -10.15 -31.46
C PHE A 15 -22.41 -9.05 -32.33
N LYS A 16 -22.68 -7.89 -31.74
CA LYS A 16 -23.32 -6.79 -32.47
C LYS A 16 -22.49 -5.52 -32.56
N VAL A 17 -21.59 -5.32 -31.61
CA VAL A 17 -20.76 -4.13 -31.59
C VAL A 17 -19.34 -4.50 -31.20
N ASP A 18 -18.41 -3.64 -31.55
CA ASP A 18 -17.02 -3.78 -31.11
C ASP A 18 -16.83 -2.87 -29.90
N LEU A 19 -16.78 -3.46 -28.71
CA LEU A 19 -16.67 -2.69 -27.46
C LEU A 19 -15.41 -1.85 -27.41
N ASN A 20 -14.38 -2.27 -28.16
CA ASN A 20 -13.11 -1.56 -28.16
C ASN A 20 -13.18 -0.17 -28.81
N GLU A 21 -14.20 0.06 -29.62
CA GLU A 21 -14.35 1.35 -30.32
C GLU A 21 -14.58 2.52 -29.37
N GLN A 22 -14.99 2.22 -28.14
CA GLN A 22 -15.25 3.25 -27.14
C GLN A 22 -13.98 3.85 -26.53
N PHE A 23 -12.84 3.22 -26.78
CA PHE A 23 -11.60 3.57 -26.08
C PHE A 23 -10.47 3.84 -27.04
N ASP A 24 -9.57 4.73 -26.64
CA ASP A 24 -8.32 4.90 -27.35
C ASP A 24 -7.41 3.71 -27.00
N ARG A 25 -6.97 2.99 -28.03
CA ARG A 25 -6.18 1.78 -27.83
C ARG A 25 -4.90 2.07 -27.08
N ALA A 26 -4.30 3.24 -27.31
CA ALA A 26 -3.04 3.53 -26.60
C ALA A 26 -3.29 3.77 -25.11
N ASP A 27 -4.42 4.38 -24.75
CA ASP A 27 -4.78 4.50 -23.33
C ASP A 27 -4.83 3.09 -22.73
N MET A 28 -5.46 2.15 -23.42
CA MET A 28 -5.56 0.79 -22.89
C MET A 28 -4.20 0.13 -22.74
N VAL A 29 -3.32 0.29 -23.73
CA VAL A 29 -2.01 -0.35 -23.66
C VAL A 29 -1.20 0.18 -22.49
N TRP A 30 -1.23 1.48 -22.24
CA TRP A 30 -0.49 2.02 -21.10
C TRP A 30 -1.04 1.49 -19.80
N ILE A 31 -2.36 1.39 -19.64
CA ILE A 31 -2.89 0.92 -18.36
C ILE A 31 -2.67 -0.59 -18.20
N GLY A 32 -2.66 -1.36 -19.30
CA GLY A 32 -2.29 -2.76 -19.20
C GLY A 32 -0.85 -2.92 -18.76
N THR A 33 0.06 -2.16 -19.37
CA THR A 33 1.48 -2.19 -19.01
C THR A 33 1.65 -1.75 -17.56
N ALA A 34 0.97 -0.68 -17.16
CA ALA A 34 1.10 -0.18 -15.80
C ALA A 34 0.60 -1.22 -14.79
N SER A 35 -0.37 -2.03 -15.16
CA SER A 35 -0.86 -3.10 -14.28
C SER A 35 0.23 -4.13 -14.02
N VAL A 36 0.97 -4.49 -15.06
CA VAL A 36 2.07 -5.44 -14.94
C VAL A 36 3.16 -4.86 -14.04
N LEU A 37 3.47 -3.57 -14.20
CA LEU A 37 4.45 -2.90 -13.35
C LEU A 37 4.01 -2.88 -11.88
N VAL A 38 2.74 -2.60 -11.60
CA VAL A 38 2.32 -2.58 -10.20
C VAL A 38 2.43 -3.99 -9.61
N TRP A 39 2.17 -5.03 -10.41
CA TRP A 39 2.25 -6.39 -9.88
C TRP A 39 3.63 -6.65 -9.25
N ILE A 40 4.71 -6.21 -9.89
CA ILE A 40 6.04 -6.54 -9.35
C ILE A 40 6.35 -5.74 -8.07
N MET A 41 5.56 -4.71 -7.77
CA MET A 41 5.70 -4.04 -6.48
C MET A 41 5.31 -4.96 -5.35
N ILE A 42 4.51 -6.00 -5.62
CA ILE A 42 4.09 -6.91 -4.54
C ILE A 42 5.32 -7.62 -3.91
N PRO A 43 6.12 -8.33 -4.73
CA PRO A 43 7.35 -8.86 -4.11
C PRO A 43 8.32 -7.78 -3.69
N GLY A 44 8.26 -6.61 -4.29
CA GLY A 44 9.10 -5.51 -3.85
C GLY A 44 8.87 -5.18 -2.38
N VAL A 45 7.60 -5.07 -1.98
CA VAL A 45 7.27 -4.83 -0.57
C VAL A 45 7.83 -5.95 0.31
N GLY A 46 7.63 -7.20 -0.10
CA GLY A 46 8.09 -8.33 0.71
C GLY A 46 9.58 -8.33 0.91
N LEU A 47 10.33 -8.09 -0.16
CA LEU A 47 11.78 -7.98 -0.08
C LEU A 47 12.23 -6.83 0.84
N LEU A 48 11.62 -5.66 0.68
CA LEU A 48 11.96 -4.51 1.49
C LEU A 48 11.82 -4.81 2.99
N TYR A 49 10.66 -5.30 3.40
CA TYR A 49 10.40 -5.48 4.83
C TYR A 49 11.06 -6.71 5.40
N SER A 50 11.33 -7.71 4.56
CA SER A 50 12.16 -8.83 5.01
CA SER A 50 12.12 -8.82 5.06
C SER A 50 13.56 -8.35 5.32
N GLY A 51 14.09 -7.49 4.44
CA GLY A 51 15.47 -7.07 4.56
C GLY A 51 15.74 -6.08 5.68
N ILE A 52 14.79 -5.20 5.94
CA ILE A 52 14.97 -4.13 6.92
C ILE A 52 14.88 -4.65 8.36
N SER A 53 14.24 -5.81 8.53
CA SER A 53 13.88 -6.29 9.87
C SER A 53 15.07 -6.38 10.82
N ARG A 54 14.88 -5.85 12.02
CA ARG A 54 15.88 -5.96 13.08
C ARG A 54 15.72 -7.26 13.86
N LYS A 55 14.73 -8.06 13.48
CA LYS A 55 14.41 -9.32 14.15
C LYS A 55 14.35 -10.45 13.14
N LYS A 56 14.62 -11.67 13.57
CA LYS A 56 14.54 -12.84 12.69
C LYS A 56 13.09 -13.29 12.55
N HIS A 57 12.42 -12.84 11.49
CA HIS A 57 11.04 -13.28 11.26
C HIS A 57 11.06 -14.73 10.80
N ALA A 58 10.22 -15.56 11.40
CA ALA A 58 10.13 -16.97 10.99
C ALA A 58 9.53 -17.10 9.61
N LEU A 59 8.59 -16.21 9.28
CA LEU A 59 7.96 -16.20 7.97
C LEU A 59 8.75 -15.29 7.02
N SER A 60 9.16 -15.85 5.87
CA SER A 60 9.87 -15.07 4.86
C SER A 60 8.91 -14.19 4.09
N LEU A 61 9.11 -12.86 4.15
CA LEU A 61 8.21 -11.94 3.47
C LEU A 61 8.36 -11.95 1.95
N MET A 62 9.52 -12.34 1.44
CA MET A 62 9.69 -12.48 -0.01
CA MET A 62 9.67 -12.48 0.00
C MET A 62 8.68 -13.53 -0.50
N TRP A 63 8.61 -14.65 0.21
CA TRP A 63 7.67 -15.71 -0.11
C TRP A 63 6.23 -15.30 0.21
N ALA A 64 6.03 -14.68 1.36
CA ALA A 64 4.68 -14.23 1.75
C ALA A 64 4.08 -13.25 0.75
N ALA A 65 4.92 -12.55 0.00
CA ALA A 65 4.42 -11.67 -1.05
C ALA A 65 3.65 -12.46 -2.09
N LEU A 66 4.14 -13.66 -2.45
CA LEU A 66 3.39 -14.51 -3.38
C LEU A 66 2.09 -14.99 -2.76
N MET A 67 2.12 -15.34 -1.48
CA MET A 67 0.88 -15.71 -0.80
C MET A 67 -0.12 -14.56 -0.86
N ALA A 68 0.35 -13.34 -0.62
CA ALA A 68 -0.54 -12.17 -0.64
C ALA A 68 -1.09 -11.91 -2.03
N ALA A 69 -0.24 -12.09 -3.05
CA ALA A 69 -0.70 -11.93 -4.44
C ALA A 69 -1.84 -12.89 -4.73
N CYS A 70 -1.76 -14.09 -4.18
CA CYS A 70 -2.81 -15.10 -4.39
C CYS A 70 -4.09 -14.75 -3.64
N VAL A 71 -3.97 -14.47 -2.34
CA VAL A 71 -5.16 -14.16 -1.54
C VAL A 71 -5.86 -12.90 -2.06
N ALA A 72 -5.09 -11.87 -2.38
CA ALA A 72 -5.68 -10.62 -2.86
C ALA A 72 -6.35 -10.79 -4.21
N ALA A 73 -5.74 -11.55 -5.12
CA ALA A 73 -6.39 -11.75 -6.42
C ALA A 73 -7.71 -12.47 -6.26
N PHE A 74 -7.74 -13.47 -5.39
CA PHE A 74 -9.00 -14.18 -5.17
C PHE A 74 -10.05 -13.26 -4.53
N GLN A 75 -9.66 -12.51 -3.50
CA GLN A 75 -10.60 -11.61 -2.83
C GLN A 75 -11.19 -10.59 -3.81
N TRP A 76 -10.34 -10.08 -4.70
CA TRP A 76 -10.73 -9.01 -5.61
C TRP A 76 -11.77 -9.54 -6.60
N PHE A 77 -11.51 -10.73 -7.12
CA PHE A 77 -12.44 -11.43 -8.01
C PHE A 77 -13.76 -11.73 -7.31
N TRP A 78 -13.67 -12.31 -6.12
CA TRP A 78 -14.83 -12.74 -5.36
C TRP A 78 -15.80 -11.58 -5.11
N TRP A 79 -15.34 -10.54 -4.41
CA TRP A 79 -16.17 -9.35 -4.22
C TRP A 79 -15.45 -8.02 -4.03
N GLY A 80 -14.11 -8.02 -3.94
CA GLY A 80 -13.39 -6.79 -3.69
C GLY A 80 -13.59 -5.75 -4.78
N TYR A 81 -13.46 -6.18 -6.03
CA TYR A 81 -13.70 -5.26 -7.14
C TYR A 81 -15.10 -4.67 -7.05
N SER A 82 -16.09 -5.52 -6.81
CA SER A 82 -17.48 -5.08 -6.78
C SER A 82 -17.74 -4.09 -5.65
N LEU A 83 -17.13 -4.31 -4.50
CA LEU A 83 -17.36 -3.44 -3.34
C LEU A 83 -16.76 -2.04 -3.54
N VAL A 84 -15.79 -1.92 -4.44
CA VAL A 84 -15.21 -0.63 -4.76
C VAL A 84 -15.83 0.01 -6.00
N PHE A 85 -16.05 -0.80 -7.04
CA PHE A 85 -16.37 -0.26 -8.37
C PHE A 85 -17.71 -0.63 -8.98
N ALA A 86 -18.58 -1.31 -8.24
CA ALA A 86 -19.93 -1.53 -8.72
C ALA A 86 -20.57 -0.18 -8.98
N HIS A 87 -20.90 0.07 -10.25
CA HIS A 87 -21.42 1.36 -10.71
C HIS A 87 -22.70 1.83 -10.03
N ASN A 88 -23.09 1.16 -8.95
CA ASN A 88 -24.36 1.44 -8.29
C ASN A 88 -24.27 1.58 -6.77
N GLY A 89 -23.16 2.12 -6.27
CA GLY A 89 -22.97 2.17 -4.84
C GLY A 89 -23.53 3.40 -4.15
N SER A 90 -23.50 3.37 -2.80
CA SER A 90 -23.90 4.50 -1.96
C SER A 90 -22.75 5.49 -1.88
N VAL A 91 -22.65 6.25 -0.78
CA VAL A 91 -21.48 7.13 -0.65
C VAL A 91 -20.35 6.47 0.14
N PHE A 92 -20.63 5.33 0.77
CA PHE A 92 -19.66 4.67 1.63
C PHE A 92 -19.15 3.31 1.13
N LEU A 93 -19.88 2.67 0.22
CA LEU A 93 -19.49 1.33 -0.24
C LEU A 93 -20.25 0.94 -1.50
N GLY A 94 -19.68 0.00 -2.25
CA GLY A 94 -20.33 -0.52 -3.44
C GLY A 94 -21.31 -1.62 -3.09
N THR A 95 -21.47 -2.57 -4.01
CA THR A 95 -22.45 -3.64 -3.84
C THR A 95 -21.84 -4.97 -4.30
N LEU A 96 -22.67 -6.01 -4.39
CA LEU A 96 -22.21 -7.30 -4.88
C LEU A 96 -22.67 -7.55 -6.32
N GLN A 97 -23.01 -6.47 -7.03
CA GLN A 97 -23.43 -6.54 -8.42
C GLN A 97 -22.41 -7.26 -9.32
N ASN A 98 -21.13 -7.06 -9.04
CA ASN A 98 -20.06 -7.70 -9.81
C ASN A 98 -19.35 -8.80 -9.04
N PHE A 99 -20.12 -9.52 -8.22
CA PHE A 99 -19.65 -10.72 -7.53
C PHE A 99 -19.04 -11.69 -8.55
N CYS A 100 -17.85 -12.20 -8.24
CA CYS A 100 -17.13 -13.10 -9.16
C CYS A 100 -16.95 -12.50 -10.55
N LEU A 101 -16.81 -11.17 -10.58
CA LEU A 101 -16.61 -10.39 -11.80
C LEU A 101 -17.70 -10.56 -12.87
N LYS A 102 -18.91 -10.86 -12.41
CA LYS A 102 -20.07 -10.94 -13.29
C LYS A 102 -20.24 -9.64 -14.05
N ASP A 103 -20.36 -9.74 -15.37
CA ASP A 103 -20.64 -8.60 -16.25
C ASP A 103 -19.56 -7.52 -16.25
N VAL A 104 -18.35 -7.87 -15.84
CA VAL A 104 -17.23 -6.94 -15.88
C VAL A 104 -16.53 -7.11 -17.22
N LEU A 105 -16.79 -6.17 -18.14
CA LEU A 105 -16.25 -6.29 -19.49
C LEU A 105 -15.95 -4.93 -20.10
N GLY A 106 -16.82 -4.46 -21.00
CA GLY A 106 -16.49 -3.33 -21.85
C GLY A 106 -17.18 -2.00 -21.62
N ALA A 107 -17.97 -1.87 -20.55
CA ALA A 107 -18.50 -0.54 -20.22
C ALA A 107 -17.34 0.35 -19.77
N PRO A 108 -17.36 1.65 -20.11
CA PRO A 108 -16.33 2.53 -19.56
C PRO A 108 -16.36 2.51 -18.04
N SER A 109 -15.19 2.35 -17.43
CA SER A 109 -15.09 2.31 -15.96
C SER A 109 -15.29 3.71 -15.38
N ILE A 110 -15.21 3.86 -14.06
CA ILE A 110 -15.33 5.19 -13.47
C ILE A 110 -14.25 6.11 -14.03
N VAL A 111 -13.13 5.50 -14.43
CA VAL A 111 -12.16 6.16 -15.27
C VAL A 111 -12.55 5.81 -16.71
N LYS A 112 -13.22 6.76 -17.35
CA LYS A 112 -13.96 6.51 -18.60
C LYS A 112 -13.08 6.12 -19.78
N THR A 113 -11.78 6.36 -19.65
CA THR A 113 -10.87 6.06 -20.75
C THR A 113 -10.45 4.59 -20.84
N VAL A 114 -10.83 3.78 -19.86
CA VAL A 114 -10.54 2.34 -19.95
C VAL A 114 -11.79 1.53 -19.60
N PRO A 115 -11.94 0.34 -20.22
CA PRO A 115 -13.10 -0.50 -19.89
C PRO A 115 -13.01 -1.13 -18.50
N ASP A 116 -14.15 -1.53 -17.96
CA ASP A 116 -14.21 -2.19 -16.65
C ASP A 116 -13.19 -3.31 -16.49
N ILE A 117 -13.04 -4.19 -17.47
CA ILE A 117 -12.15 -5.35 -17.29
C ILE A 117 -10.69 -4.92 -17.08
N LEU A 118 -10.25 -3.88 -17.77
CA LEU A 118 -8.88 -3.37 -17.61
C LEU A 118 -8.74 -2.58 -16.32
N PHE A 119 -9.75 -1.80 -15.94
CA PHE A 119 -9.68 -1.09 -14.67
C PHE A 119 -9.66 -2.08 -13.52
N CYS A 120 -10.37 -3.20 -13.68
CA CYS A 120 -10.36 -4.29 -12.71
C CYS A 120 -8.95 -4.84 -12.52
N LEU A 121 -8.29 -5.16 -13.64
CA LEU A 121 -6.91 -5.65 -13.63
C LEU A 121 -5.99 -4.67 -12.89
N TYR A 122 -6.05 -3.40 -13.28
CA TYR A 122 -5.15 -2.39 -12.73
C TYR A 122 -5.40 -2.17 -11.23
N GLN A 123 -6.64 -1.90 -10.88
CA GLN A 123 -6.97 -1.62 -9.48
C GLN A 123 -6.80 -2.84 -8.57
N GLY A 124 -6.94 -4.04 -9.11
CA GLY A 124 -6.68 -5.22 -8.30
C GLY A 124 -5.23 -5.26 -7.84
N MET A 125 -4.32 -4.72 -8.63
CA MET A 125 -2.91 -4.72 -8.24
C MET A 125 -2.70 -3.83 -7.01
N PHE A 126 -3.45 -2.73 -6.90
CA PHE A 126 -3.34 -1.84 -5.75
C PHE A 126 -3.78 -2.57 -4.48
N ALA A 127 -4.87 -3.35 -4.58
CA ALA A 127 -5.33 -4.15 -3.46
C ALA A 127 -4.26 -5.14 -3.01
N ALA A 128 -3.57 -5.74 -3.97
CA ALA A 128 -2.55 -6.73 -3.66
C ALA A 128 -1.32 -6.09 -3.01
N VAL A 129 -0.91 -4.91 -3.47
CA VAL A 129 0.20 -4.21 -2.83
C VAL A 129 -0.17 -3.90 -1.38
N THR A 130 -1.40 -3.48 -1.14
CA THR A 130 -1.83 -3.15 0.22
C THR A 130 -1.85 -4.43 1.08
N ALA A 131 -2.24 -5.55 0.48
CA ALA A 131 -2.25 -6.83 1.21
C ALA A 131 -0.88 -7.24 1.71
N ILE A 132 0.15 -7.08 0.88
CA ILE A 132 1.48 -7.45 1.32
C ILE A 132 2.05 -6.42 2.31
N LEU A 133 1.65 -5.15 2.21
CA LEU A 133 2.02 -4.18 3.23
C LEU A 133 1.46 -4.61 4.59
N MET A 134 0.21 -5.08 4.58
CA MET A 134 -0.42 -5.53 5.81
CA MET A 134 -0.44 -5.51 5.81
C MET A 134 0.19 -6.81 6.35
N ALA A 135 0.43 -7.77 5.46
CA ALA A 135 1.07 -9.01 5.88
C ALA A 135 2.47 -8.74 6.42
N GLY A 136 3.18 -7.80 5.81
CA GLY A 136 4.51 -7.42 6.27
C GLY A 136 4.45 -6.80 7.66
N ALA A 137 3.52 -5.87 7.85
CA ALA A 137 3.34 -5.21 9.14
C ALA A 137 3.05 -6.22 10.25
N GLY A 138 2.26 -7.23 9.92
CA GLY A 138 1.79 -8.17 10.94
C GLY A 138 2.46 -9.53 10.90
N CYS A 139 3.66 -9.58 10.34
CA CYS A 139 4.27 -10.88 10.08
CA CYS A 139 4.39 -10.82 10.05
C CYS A 139 4.94 -11.55 11.27
N GLU A 140 5.34 -10.79 12.29
CA GLU A 140 6.10 -11.38 13.38
C GLU A 140 5.31 -12.43 14.17
N ARG A 141 5.83 -13.65 14.20
CA ARG A 141 5.17 -14.80 14.82
C ARG A 141 3.75 -15.04 14.29
N ALA A 142 3.49 -14.63 13.04
CA ALA A 142 2.18 -14.88 12.45
C ALA A 142 1.97 -16.36 12.15
N ARG A 143 0.73 -16.82 12.34
CA ARG A 143 0.30 -18.14 11.88
C ARG A 143 -0.31 -17.98 10.49
N LEU A 144 0.07 -18.85 9.56
CA LEU A 144 -0.24 -18.63 8.14
C LEU A 144 -1.72 -18.73 7.81
N GLY A 145 -2.41 -19.76 8.31
CA GLY A 145 -3.82 -19.90 8.03
C GLY A 145 -4.62 -18.69 8.50
N PRO A 146 -4.48 -18.33 9.77
CA PRO A 146 -5.12 -17.11 10.27
C PRO A 146 -4.72 -15.84 9.51
N MET A 147 -3.45 -15.73 9.10
CA MET A 147 -3.03 -14.57 8.32
C MET A 147 -3.79 -14.49 7.01
N MET A 148 -3.98 -15.63 6.34
CA MET A 148 -4.70 -15.61 5.06
C MET A 148 -6.15 -15.20 5.24
N VAL A 149 -6.79 -15.72 6.30
CA VAL A 149 -8.17 -15.33 6.61
C VAL A 149 -8.23 -13.85 6.97
N PHE A 150 -7.29 -13.40 7.78
CA PHE A 150 -7.19 -11.97 8.14
C PHE A 150 -7.09 -11.07 6.90
N LEU A 151 -6.20 -11.40 5.96
CA LEU A 151 -6.03 -10.56 4.78
C LEU A 151 -7.34 -10.49 3.99
N PHE A 152 -8.03 -11.62 3.86
CA PHE A 152 -9.30 -11.64 3.12
C PHE A 152 -10.34 -10.72 3.78
N ILE A 153 -10.48 -10.83 5.10
CA ILE A 153 -11.41 -9.99 5.86
C ILE A 153 -11.00 -8.52 5.81
N TRP A 154 -9.71 -8.26 6.01
CA TRP A 154 -9.18 -6.90 6.04
C TRP A 154 -9.37 -6.17 4.70
N LEU A 155 -9.09 -6.86 3.60
CA LEU A 155 -9.34 -6.29 2.28
C LEU A 155 -10.81 -5.92 2.14
N THR A 156 -11.69 -6.79 2.65
CA THR A 156 -13.12 -6.62 2.46
C THR A 156 -13.69 -5.44 3.26
N VAL A 157 -13.29 -5.31 4.52
CA VAL A 157 -13.93 -4.32 5.38
C VAL A 157 -13.07 -3.10 5.74
N VAL A 158 -11.79 -3.14 5.38
CA VAL A 158 -10.93 -1.98 5.59
C VAL A 158 -10.51 -1.35 4.26
N TYR A 159 -9.83 -2.12 3.41
CA TYR A 159 -9.41 -1.60 2.11
C TYR A 159 -10.60 -1.18 1.24
N CYS A 160 -11.56 -2.07 1.05
CA CYS A 160 -12.63 -1.79 0.09
C CYS A 160 -13.45 -0.52 0.42
N PRO A 161 -13.86 -0.33 1.69
CA PRO A 161 -14.57 0.94 1.96
C PRO A 161 -13.71 2.18 1.73
N ILE A 162 -12.46 2.18 2.18
CA ILE A 162 -11.60 3.35 1.97
C ILE A 162 -11.36 3.60 0.47
N ALA A 163 -11.19 2.54 -0.29
CA ALA A 163 -11.03 2.65 -1.74
C ALA A 163 -12.30 3.22 -2.39
N TYR A 164 -13.46 2.76 -1.92
CA TYR A 164 -14.71 3.29 -2.45
C TYR A 164 -14.81 4.80 -2.20
N TRP A 165 -14.47 5.25 -0.99
CA TRP A 165 -14.59 6.67 -0.68
C TRP A 165 -13.72 7.52 -1.59
N THR A 166 -12.59 6.94 -1.99
CA THR A 166 -11.53 7.60 -2.75
C THR A 166 -11.75 7.55 -4.26
N TRP A 167 -12.26 6.43 -4.75
CA TRP A 167 -12.32 6.18 -6.20
C TRP A 167 -13.72 5.92 -6.71
N GLY A 168 -14.61 5.50 -5.82
CA GLY A 168 -15.95 5.08 -6.21
C GLY A 168 -16.74 6.21 -6.85
N GLY A 169 -17.64 5.86 -7.74
CA GLY A 169 -18.44 6.83 -8.46
C GLY A 169 -19.12 7.83 -7.55
N ASN A 170 -19.63 7.37 -6.42
CA ASN A 170 -20.31 8.23 -5.47
C ASN A 170 -19.55 8.34 -4.15
N GLY A 171 -18.27 8.00 -4.16
CA GLY A 171 -17.47 8.04 -2.94
C GLY A 171 -17.48 9.41 -2.30
N TRP A 172 -17.65 9.48 -0.98
CA TRP A 172 -17.84 10.79 -0.34
C TRP A 172 -16.60 11.70 -0.41
N LEU A 173 -15.41 11.12 -0.49
CA LEU A 173 -14.20 11.93 -0.61
C LEU A 173 -14.07 12.53 -2.01
N VAL A 174 -14.49 11.77 -3.02
CA VAL A 174 -14.55 12.28 -4.38
C VAL A 174 -15.47 13.49 -4.44
N SER A 175 -16.66 13.35 -3.85
CA SER A 175 -17.67 14.40 -3.89
C SER A 175 -17.21 15.64 -3.14
N LEU A 176 -16.52 15.42 -2.02
CA LEU A 176 -16.04 16.52 -1.18
C LEU A 176 -15.01 17.37 -1.93
N GLY A 177 -14.21 16.73 -2.77
CA GLY A 177 -13.20 17.42 -3.54
C GLY A 177 -11.79 17.14 -3.07
N ALA A 178 -11.64 16.17 -2.17
CA ALA A 178 -10.31 15.78 -1.74
C ALA A 178 -9.52 15.21 -2.92
N LEU A 179 -8.22 15.48 -2.93
CA LEU A 179 -7.33 15.02 -4.00
C LEU A 179 -6.50 13.84 -3.53
N ASP A 180 -6.44 12.80 -4.36
CA ASP A 180 -5.57 11.66 -4.07
C ASP A 180 -5.26 10.99 -5.40
N PHE A 181 -4.20 11.46 -6.03
CA PHE A 181 -3.90 11.07 -7.40
C PHE A 181 -3.81 9.56 -7.64
N ALA A 182 -2.93 8.88 -6.89
CA ALA A 182 -2.68 7.47 -7.12
C ALA A 182 -3.02 6.57 -5.94
N GLY A 183 -4.01 6.98 -5.15
CA GLY A 183 -4.48 6.14 -4.07
C GLY A 183 -3.57 6.02 -2.86
N GLY A 184 -2.97 7.13 -2.47
CA GLY A 184 -2.19 7.20 -1.26
C GLY A 184 -3.00 6.84 -0.02
N GLY A 185 -4.26 7.24 0.01
CA GLY A 185 -5.16 6.90 1.11
C GLY A 185 -5.42 5.41 1.22
N PRO A 186 -5.99 4.78 0.18
CA PRO A 186 -6.31 3.36 0.27
C PRO A 186 -5.10 2.46 0.43
N VAL A 187 -3.96 2.85 -0.14
CA VAL A 187 -2.80 1.97 -0.10
C VAL A 187 -1.88 2.30 1.08
N HIS A 188 -1.35 3.53 1.12
CA HIS A 188 -0.30 3.85 2.08
C HIS A 188 -0.79 4.32 3.45
N GLU A 189 -1.61 5.36 3.50
CA GLU A 189 -2.15 5.82 4.78
C GLU A 189 -2.89 4.69 5.48
N ASN A 190 -3.70 3.97 4.71
CA ASN A 190 -4.50 2.85 5.22
C ASN A 190 -3.63 1.75 5.80
N SER A 191 -2.73 1.18 4.98
CA SER A 191 -1.87 0.11 5.52
C SER A 191 -1.04 0.59 6.69
N GLY A 192 -0.59 1.85 6.65
CA GLY A 192 0.24 2.38 7.72
C GLY A 192 -0.49 2.44 9.05
N PHE A 193 -1.74 2.92 9.05
CA PHE A 193 -2.48 3.00 10.31
C PHE A 193 -3.04 1.65 10.77
N ALA A 194 -3.21 0.73 9.83
CA ALA A 194 -3.55 -0.64 10.19
C ALA A 194 -2.33 -1.30 10.82
N ALA A 195 -1.15 -1.01 10.27
CA ALA A 195 0.10 -1.47 10.89
C ALA A 195 0.21 -0.99 12.32
N LEU A 196 -0.15 0.28 12.56
CA LEU A 196 -0.08 0.84 13.92
C LEU A 196 -1.03 0.11 14.86
N ALA A 197 -2.21 -0.25 14.39
CA ALA A 197 -3.12 -1.04 15.20
C ALA A 197 -2.47 -2.37 15.58
N TYR A 198 -1.80 -2.99 14.61
CA TYR A 198 -1.09 -4.22 14.89
C TYR A 198 -0.01 -3.97 15.96
N SER A 199 0.81 -2.95 15.75
CA SER A 199 1.88 -2.61 16.70
C SER A 199 1.37 -2.47 18.14
N LEU A 200 0.26 -1.76 18.30
CA LEU A 200 -0.20 -1.40 19.65
C LEU A 200 -0.99 -2.50 20.35
N TRP A 201 -1.56 -3.44 19.59
CA TRP A 201 -2.34 -4.53 20.17
C TRP A 201 -1.59 -5.86 20.19
N LEU A 202 -0.98 -6.22 19.06
CA LEU A 202 -0.34 -7.53 18.95
C LEU A 202 1.19 -7.47 18.99
N GLY A 203 1.77 -6.29 18.79
CA GLY A 203 3.21 -6.16 18.81
C GLY A 203 3.84 -6.50 20.16
N LYS A 204 5.09 -6.95 20.14
CA LYS A 204 5.80 -7.22 21.38
C LYS A 204 6.16 -5.90 22.09
N ARG A 205 5.87 -5.83 23.39
CA ARG A 205 6.19 -4.65 24.16
C ARG A 205 7.55 -4.84 24.83
N HIS A 206 8.18 -3.73 25.21
CA HIS A 206 9.52 -3.77 25.82
C HIS A 206 10.44 -4.65 24.98
N ASP A 207 10.38 -4.46 23.67
CA ASP A 207 11.09 -5.30 22.73
C ASP A 207 12.59 -5.02 22.83
N PRO A 208 13.41 -6.07 23.01
CA PRO A 208 14.86 -5.92 23.14
C PRO A 208 15.52 -5.16 21.98
N VAL A 209 14.93 -5.18 20.79
CA VAL A 209 15.56 -4.46 19.68
C VAL A 209 15.17 -2.99 19.66
N ALA A 210 14.24 -2.60 20.54
CA ALA A 210 13.77 -1.22 20.58
C ALA A 210 13.91 -0.63 21.99
N LYS A 211 14.69 -1.32 22.83
CA LYS A 211 14.83 -0.98 24.24
C LYS A 211 16.23 -0.47 24.56
N GLY A 212 16.32 0.72 25.15
CA GLY A 212 17.59 1.23 25.63
C GLY A 212 18.55 1.65 24.53
N LYS A 213 19.83 1.33 24.72
CA LYS A 213 20.88 1.75 23.79
C LYS A 213 21.07 0.77 22.61
N VAL A 214 20.16 0.81 21.65
CA VAL A 214 20.18 -0.14 20.54
C VAL A 214 20.21 0.57 19.19
N PRO A 215 20.78 -0.10 18.17
CA PRO A 215 20.89 0.54 16.85
C PRO A 215 19.55 0.75 16.16
N LYS A 216 19.36 1.95 15.62
CA LYS A 216 18.16 2.28 14.85
C LYS A 216 18.06 1.43 13.59
N TYR A 217 19.21 1.17 12.97
CA TYR A 217 19.30 0.34 11.77
C TYR A 217 20.13 -0.89 12.07
N LYS A 218 19.55 -2.07 11.84
CA LYS A 218 20.24 -3.33 12.08
C LYS A 218 19.59 -4.37 11.18
N PRO A 219 19.84 -4.27 9.87
CA PRO A 219 19.05 -5.02 8.91
C PRO A 219 19.37 -6.50 8.82
N HIS A 220 18.34 -7.29 8.53
CA HIS A 220 18.47 -8.71 8.26
C HIS A 220 19.24 -8.98 6.96
N SER A 221 18.92 -8.19 5.92
CA SER A 221 19.52 -8.39 4.60
C SER A 221 19.53 -7.11 3.78
N VAL A 222 20.68 -6.47 3.64
CA VAL A 222 20.77 -5.27 2.81
C VAL A 222 20.49 -5.58 1.34
N SER A 223 20.91 -6.74 0.85
CA SER A 223 20.61 -7.07 -0.56
C SER A 223 19.10 -7.16 -0.78
N SER A 224 18.37 -7.65 0.22
CA SER A 224 16.92 -7.75 0.08
CA SER A 224 16.92 -7.75 0.10
C SER A 224 16.28 -6.36 0.11
N ILE A 225 16.79 -5.48 0.98
CA ILE A 225 16.30 -4.10 1.01
C ILE A 225 16.50 -3.44 -0.35
N VAL A 226 17.69 -3.60 -0.91
CA VAL A 226 18.00 -2.97 -2.19
C VAL A 226 17.17 -3.57 -3.33
N MET A 227 17.07 -4.90 -3.37
CA MET A 227 16.24 -5.52 -4.41
C MET A 227 14.77 -5.09 -4.30
N GLY A 228 14.24 -5.02 -3.07
CA GLY A 228 12.88 -4.55 -2.89
C GLY A 228 12.71 -3.11 -3.35
N THR A 229 13.66 -2.25 -3.01
CA THR A 229 13.59 -0.86 -3.42
C THR A 229 13.63 -0.74 -4.95
N ILE A 230 14.44 -1.57 -5.59
CA ILE A 230 14.51 -1.59 -7.06
C ILE A 230 13.16 -1.95 -7.65
N PHE A 231 12.55 -3.03 -7.18
CA PHE A 231 11.25 -3.44 -7.72
C PHE A 231 10.18 -2.38 -7.44
N LEU A 232 10.24 -1.73 -6.27
CA LEU A 232 9.25 -0.73 -5.89
C LEU A 232 9.35 0.52 -6.78
N TRP A 233 10.56 1.03 -6.98
CA TRP A 233 10.75 2.25 -7.78
C TRP A 233 10.39 1.96 -9.25
N PHE A 234 10.86 0.84 -9.78
CA PHE A 234 10.53 0.40 -11.15
C PHE A 234 9.02 0.28 -11.32
N GLY A 235 8.34 -0.41 -10.40
CA GLY A 235 6.92 -0.61 -10.51
C GLY A 235 6.12 0.66 -10.27
N TRP A 236 6.69 1.60 -9.51
CA TRP A 236 5.95 2.81 -9.14
C TRP A 236 5.67 3.70 -10.34
N TYR A 237 6.44 3.53 -11.42
CA TYR A 237 6.10 4.24 -12.66
C TYR A 237 4.72 3.81 -13.16
N GLY A 238 4.36 2.54 -12.96
CA GLY A 238 3.00 2.13 -13.29
C GLY A 238 1.98 2.57 -12.25
N PHE A 239 2.36 2.50 -10.97
CA PHE A 239 1.48 2.88 -9.86
C PHE A 239 1.03 4.33 -10.03
N ASN A 240 2.00 5.23 -10.19
CA ASN A 240 1.68 6.64 -10.37
C ASN A 240 1.37 6.98 -11.83
N GLY A 241 2.22 6.53 -12.76
CA GLY A 241 2.03 6.90 -14.17
C GLY A 241 0.72 6.42 -14.76
N GLY A 242 0.21 5.30 -14.27
CA GLY A 242 -1.05 4.77 -14.74
C GLY A 242 -2.28 5.39 -14.10
N SER A 243 -2.08 6.23 -13.09
CA SER A 243 -3.24 6.74 -12.36
C SER A 243 -3.97 7.87 -13.06
N THR A 244 -3.47 8.29 -14.22
CA THR A 244 -4.22 9.18 -15.11
C THR A 244 -5.30 8.41 -15.85
N GLY A 245 -5.13 7.10 -15.99
CA GLY A 245 -6.04 6.31 -16.82
C GLY A 245 -5.86 6.48 -18.31
N ASN A 246 -4.77 7.11 -18.73
CA ASN A 246 -4.62 7.42 -20.15
C ASN A 246 -3.17 7.50 -20.61
N SER A 247 -3.00 7.70 -21.92
CA SER A 247 -1.69 7.77 -22.57
C SER A 247 -1.20 9.21 -22.78
N SER A 248 -1.84 10.15 -22.10
CA SER A 248 -1.47 11.56 -22.25
C SER A 248 -0.15 11.89 -21.59
N MET A 249 0.35 13.08 -21.86
CA MET A 249 1.60 13.50 -21.27
C MET A 249 1.47 13.81 -19.79
N ARG A 250 0.25 13.82 -19.25
CA ARG A 250 0.14 13.93 -17.79
C ARG A 250 0.70 12.63 -17.16
N SER A 251 0.61 11.51 -17.87
CA SER A 251 1.18 10.28 -17.34
C SER A 251 2.69 10.41 -17.22
N TRP A 252 3.32 11.00 -18.22
CA TRP A 252 4.78 11.09 -18.24
C TRP A 252 5.25 12.16 -17.24
N TYR A 253 4.49 13.25 -17.11
CA TYR A 253 4.74 14.28 -16.11
C TYR A 253 4.71 13.64 -14.71
N ALA A 254 3.71 12.80 -14.46
CA ALA A 254 3.63 12.10 -13.18
C ALA A 254 4.85 11.20 -12.96
N CYS A 255 5.38 10.58 -14.01
CA CYS A 255 6.58 9.74 -13.87
C CYS A 255 7.81 10.58 -13.55
N VAL A 256 7.95 11.75 -14.17
CA VAL A 256 9.05 12.65 -13.85
C VAL A 256 8.99 13.04 -12.37
N ASN A 257 7.80 13.37 -11.89
CA ASN A 257 7.60 13.73 -10.47
C ASN A 257 7.94 12.56 -9.55
N THR A 258 7.56 11.36 -9.96
CA THR A 258 7.78 10.16 -9.17
C THR A 258 9.29 9.90 -8.99
N ASN A 259 10.02 9.95 -10.09
CA ASN A 259 11.47 9.76 -10.08
C ASN A 259 12.16 10.82 -9.24
N LEU A 260 11.74 12.09 -9.34
CA LEU A 260 12.44 13.16 -8.63
C LEU A 260 12.15 13.11 -7.13
N ALA A 261 10.94 12.74 -6.76
CA ALA A 261 10.60 12.59 -5.33
C ALA A 261 11.36 11.43 -4.69
N ALA A 262 11.48 10.32 -5.41
CA ALA A 262 12.25 9.18 -4.89
C ALA A 262 13.71 9.60 -4.71
N ALA A 263 14.25 10.28 -5.71
CA ALA A 263 15.67 10.66 -5.70
C ALA A 263 15.97 11.61 -4.56
N THR A 264 15.14 12.63 -4.40
CA THR A 264 15.37 13.61 -3.34
C THR A 264 15.04 13.05 -1.96
N GLY A 265 14.09 12.13 -1.87
CA GLY A 265 13.83 11.47 -0.60
C GLY A 265 15.00 10.61 -0.16
N GLY A 266 15.58 9.85 -1.09
CA GLY A 266 16.71 9.00 -0.75
C GLY A 266 17.87 9.84 -0.27
N LEU A 267 18.21 10.89 -1.00
CA LEU A 267 19.34 11.74 -0.62
C LEU A 267 19.07 12.46 0.71
N THR A 268 17.85 12.94 0.89
CA THR A 268 17.50 13.64 2.13
C THR A 268 17.63 12.74 3.36
N TRP A 269 17.03 11.55 3.31
CA TRP A 269 17.10 10.66 4.46
C TRP A 269 18.54 10.30 4.79
N MET A 270 19.33 10.02 3.75
CA MET A 270 20.74 9.69 4.00
C MET A 270 21.49 10.89 4.59
N LEU A 271 21.21 12.09 4.12
CA LEU A 271 21.84 13.29 4.69
C LEU A 271 21.42 13.54 6.13
N VAL A 272 20.14 13.32 6.43
CA VAL A 272 19.67 13.42 7.81
C VAL A 272 20.41 12.44 8.71
N ASP A 273 20.52 11.17 8.27
CA ASP A 273 21.26 10.17 9.04
C ASP A 273 22.72 10.58 9.23
N TRP A 274 23.31 11.20 8.21
CA TRP A 274 24.70 11.63 8.28
C TRP A 274 24.90 12.67 9.38
N PHE A 275 23.99 13.65 9.45
CA PHE A 275 24.06 14.64 10.52
C PHE A 275 23.80 14.01 11.89
N ARG A 276 22.85 13.10 11.96
CA ARG A 276 22.42 12.56 13.26
C ARG A 276 23.38 11.53 13.83
N THR A 277 24.17 10.88 12.98
CA THR A 277 25.13 9.88 13.41
C THR A 277 26.54 10.45 13.55
N GLY A 278 26.71 11.72 13.23
CA GLY A 278 28.03 12.32 13.27
C GLY A 278 28.93 11.88 12.13
N GLY A 279 28.34 11.58 10.97
CA GLY A 279 29.12 11.40 9.76
C GLY A 279 29.12 10.02 9.13
N LYS A 280 28.21 9.15 9.57
CA LYS A 280 28.10 7.82 8.95
C LYS A 280 27.19 7.88 7.72
N TRP A 281 27.43 7.00 6.75
CA TRP A 281 26.58 6.90 5.58
C TRP A 281 25.67 5.68 5.71
N SER A 282 24.35 5.94 5.77
CA SER A 282 23.34 4.94 6.10
C SER A 282 22.80 4.21 4.86
N THR A 283 23.13 2.92 4.77
CA THR A 283 22.70 2.06 3.68
C THR A 283 21.17 1.89 3.67
N VAL A 284 20.61 1.63 4.84
CA VAL A 284 19.18 1.45 4.97
C VAL A 284 18.49 2.78 4.75
N GLY A 285 19.09 3.87 5.23
CA GLY A 285 18.49 5.20 5.13
C GLY A 285 18.23 5.66 3.72
N LEU A 286 19.18 5.46 2.82
CA LEU A 286 18.96 5.83 1.42
C LEU A 286 17.72 5.15 0.85
N CYS A 287 17.57 3.86 1.14
CA CYS A 287 16.42 3.12 0.63
C CYS A 287 15.13 3.58 1.27
N MET A 288 15.12 3.76 2.59
CA MET A 288 13.93 4.24 3.28
C MET A 288 13.50 5.60 2.76
N GLY A 289 14.48 6.47 2.48
CA GLY A 289 14.17 7.79 1.97
C GLY A 289 13.55 7.76 0.59
N ALA A 290 14.04 6.86 -0.27
CA ALA A 290 13.43 6.72 -1.60
C ALA A 290 11.98 6.29 -1.45
N ILE A 291 11.71 5.32 -0.56
CA ILE A 291 10.34 4.89 -0.30
C ILE A 291 9.50 6.04 0.27
N ALA A 292 10.05 6.81 1.20
CA ALA A 292 9.32 7.96 1.76
C ALA A 292 8.91 8.96 0.68
N GLY A 293 9.81 9.21 -0.26
CA GLY A 293 9.51 10.11 -1.37
C GLY A 293 8.46 9.55 -2.31
N LEU A 294 8.57 8.25 -2.63
CA LEU A 294 7.58 7.59 -3.49
C LEU A 294 6.19 7.61 -2.85
N VAL A 295 6.12 7.29 -1.57
CA VAL A 295 4.85 7.39 -0.82
C VAL A 295 4.37 8.85 -0.83
N GLY A 296 5.26 9.78 -0.50
CA GLY A 296 4.87 11.19 -0.44
C GLY A 296 4.25 11.73 -1.71
N ILE A 297 4.82 11.34 -2.85
CA ILE A 297 4.40 11.93 -4.14
C ILE A 297 3.15 11.22 -4.70
N THR A 298 2.83 10.07 -4.16
CA THR A 298 1.69 9.27 -4.62
C THR A 298 0.34 10.04 -4.74
N PRO A 299 -0.08 10.78 -3.69
CA PRO A 299 -1.36 11.52 -3.82
C PRO A 299 -1.25 12.75 -4.73
N ALA A 300 -0.02 13.10 -5.11
CA ALA A 300 0.27 14.39 -5.73
C ALA A 300 0.80 14.32 -7.18
N ALA A 301 1.20 13.15 -7.66
CA ALA A 301 2.12 13.11 -8.81
C ALA A 301 1.57 13.73 -10.07
N GLY A 302 0.27 13.61 -10.29
CA GLY A 302 -0.38 14.19 -11.46
C GLY A 302 -1.02 15.54 -11.22
N TYR A 303 -0.71 16.17 -10.09
CA TYR A 303 -1.35 17.42 -9.70
C TYR A 303 -0.38 18.57 -9.40
N VAL A 304 0.89 18.25 -9.10
CA VAL A 304 1.82 19.30 -8.65
C VAL A 304 2.88 19.63 -9.70
N PRO A 305 3.32 20.90 -9.73
CA PRO A 305 4.38 21.30 -10.66
C PRO A 305 5.67 20.53 -10.40
N VAL A 306 6.42 20.23 -11.45
CA VAL A 306 7.63 19.41 -11.33
CA VAL A 306 7.62 19.41 -11.32
C VAL A 306 8.59 19.90 -10.23
N TYR A 307 8.83 21.22 -10.18
CA TYR A 307 9.79 21.71 -9.20
C TYR A 307 9.37 21.45 -7.76
N THR A 308 8.05 21.35 -7.51
CA THR A 308 7.60 21.03 -6.16
C THR A 308 7.78 19.57 -5.77
N SER A 309 8.02 18.68 -6.74
CA SER A 309 8.16 17.27 -6.41
CA SER A 309 8.20 17.27 -6.44
C SER A 309 9.36 17.03 -5.49
N VAL A 310 10.37 17.90 -5.56
CA VAL A 310 11.51 17.85 -4.66
CA VAL A 310 11.50 17.77 -4.65
C VAL A 310 11.06 17.94 -3.20
N ILE A 311 10.01 18.73 -2.95
CA ILE A 311 9.50 18.92 -1.59
CA ILE A 311 9.48 18.92 -1.60
C ILE A 311 8.82 17.64 -1.08
N PHE A 312 8.23 16.87 -2.00
CA PHE A 312 7.60 15.60 -1.65
C PHE A 312 8.60 14.49 -1.38
N GLY A 313 9.86 14.73 -1.73
CA GLY A 313 10.94 13.87 -1.28
C GLY A 313 11.50 14.36 0.05
N ILE A 314 11.84 15.64 0.12
CA ILE A 314 12.53 16.19 1.29
C ILE A 314 11.71 16.10 2.57
N VAL A 315 10.47 16.58 2.52
CA VAL A 315 9.69 16.71 3.75
C VAL A 315 9.26 15.35 4.31
N PRO A 316 8.70 14.46 3.47
CA PRO A 316 8.41 13.12 4.02
C PRO A 316 9.66 12.40 4.51
N ALA A 317 10.79 12.53 3.82
CA ALA A 317 12.01 11.87 4.31
C ALA A 317 12.40 12.36 5.72
N ILE A 318 12.33 13.66 5.96
CA ILE A 318 12.69 14.20 7.27
C ILE A 318 11.71 13.74 8.34
N ILE A 319 10.42 13.93 8.09
CA ILE A 319 9.41 13.57 9.06
C ILE A 319 9.37 12.07 9.36
N CYS A 320 9.44 11.25 8.31
CA CYS A 320 9.46 9.80 8.50
C CYS A 320 10.72 9.33 9.25
N ASN A 321 11.85 9.97 8.99
CA ASN A 321 13.10 9.61 9.68
C ASN A 321 12.93 9.77 11.19
N PHE A 322 12.27 10.84 11.59
CA PHE A 322 12.03 11.05 13.02
C PHE A 322 10.88 10.19 13.54
N ALA A 323 9.91 9.89 12.69
CA ALA A 323 8.80 9.01 13.11
C ALA A 323 9.32 7.63 13.51
N VAL A 324 10.35 7.15 12.80
CA VAL A 324 10.98 5.87 13.12
C VAL A 324 11.50 5.85 14.56
N ASP A 325 11.90 7.02 15.09
CA ASP A 325 12.39 7.11 16.47
C ASP A 325 11.32 6.81 17.51
N LEU A 326 10.05 6.91 17.12
CA LEU A 326 8.98 6.61 18.07
C LEU A 326 9.01 5.15 18.53
N LYS A 327 9.65 4.29 17.73
CA LYS A 327 9.86 2.90 18.13
C LYS A 327 10.64 2.81 19.43
N ASP A 328 11.59 3.72 19.63
CA ASP A 328 12.37 3.77 20.87
C ASP A 328 11.55 4.25 22.06
N LEU A 329 10.69 5.23 21.81
CA LEU A 329 9.85 5.80 22.85
C LEU A 329 8.88 4.74 23.36
N LEU A 330 8.25 4.02 22.42
CA LEU A 330 7.24 3.04 22.77
C LEU A 330 7.86 1.70 23.14
N GLN A 331 9.11 1.49 22.73
CA GLN A 331 9.80 0.21 22.85
C GLN A 331 9.04 -0.91 22.15
N ILE A 332 8.55 -0.59 20.95
CA ILE A 332 7.86 -1.55 20.10
C ILE A 332 8.50 -1.51 18.72
N ASP A 333 8.85 -2.68 18.18
CA ASP A 333 9.37 -2.78 16.82
C ASP A 333 8.35 -3.27 15.80
N ASP A 334 7.57 -4.28 16.19
CA ASP A 334 6.68 -4.99 15.25
C ASP A 334 5.67 -4.04 14.62
N GLY A 335 5.61 -4.03 13.29
CA GLY A 335 4.64 -3.24 12.54
C GLY A 335 4.99 -1.78 12.35
N MET A 336 6.00 -1.29 13.05
CA MET A 336 6.23 0.14 13.15
C MET A 336 6.89 0.76 11.91
N ASP A 337 7.73 0.00 11.21
CA ASP A 337 8.32 0.50 9.98
C ASP A 337 7.27 0.81 8.92
N VAL A 338 6.29 -0.09 8.77
CA VAL A 338 5.22 0.14 7.81
C VAL A 338 4.41 1.37 8.20
N TRP A 339 4.12 1.54 9.49
CA TRP A 339 3.43 2.76 9.93
C TRP A 339 4.25 4.01 9.61
N ALA A 340 5.53 4.00 9.95
CA ALA A 340 6.38 5.17 9.75
C ALA A 340 6.47 5.60 8.28
N LEU A 341 6.73 4.65 7.39
CA LEU A 341 6.88 5.01 5.98
C LEU A 341 5.53 5.26 5.30
N HIS A 342 4.59 4.34 5.44
CA HIS A 342 3.33 4.43 4.70
C HIS A 342 2.27 5.26 5.40
N GLY A 343 2.12 5.12 6.71
CA GLY A 343 1.16 5.91 7.44
C GLY A 343 1.55 7.37 7.53
N VAL A 344 2.75 7.63 8.06
CA VAL A 344 3.22 9.00 8.21
C VAL A 344 3.54 9.63 6.85
N GLY A 345 4.23 8.88 5.99
CA GLY A 345 4.55 9.37 4.66
C GLY A 345 3.30 9.68 3.89
N GLY A 346 2.30 8.80 4.00
CA GLY A 346 1.03 9.01 3.30
C GLY A 346 0.28 10.22 3.83
N PHE A 347 0.25 10.40 5.14
CA PHE A 347 -0.40 11.57 5.72
C PHE A 347 0.27 12.86 5.26
N VAL A 348 1.59 12.89 5.31
CA VAL A 348 2.35 14.09 4.93
C VAL A 348 2.13 14.43 3.45
N GLY A 349 2.24 13.41 2.59
CA GLY A 349 2.02 13.64 1.17
C GLY A 349 0.63 14.13 0.88
N ASN A 350 -0.37 13.54 1.54
CA ASN A 350 -1.74 13.96 1.32
C ASN A 350 -1.96 15.41 1.73
N PHE A 351 -1.37 15.80 2.86
CA PHE A 351 -1.49 17.16 3.36
C PHE A 351 -0.84 18.13 2.38
N MET A 352 0.38 17.82 1.94
CA MET A 352 1.11 18.72 1.04
CA MET A 352 1.09 18.73 1.05
C MET A 352 0.46 18.84 -0.34
N THR A 353 -0.29 17.82 -0.75
CA THR A 353 -1.05 17.91 -2.00
C THR A 353 -2.03 19.10 -1.95
N GLY A 354 -2.58 19.39 -0.78
CA GLY A 354 -3.48 20.53 -0.66
C GLY A 354 -2.77 21.86 -0.82
N LEU A 355 -1.47 21.88 -0.54
CA LEU A 355 -0.66 23.08 -0.71
C LEU A 355 -0.25 23.28 -2.16
N PHE A 356 0.19 22.20 -2.80
CA PHE A 356 0.90 22.33 -4.08
C PHE A 356 0.13 21.96 -5.34
N ALA A 357 -1.08 21.39 -5.19
CA ALA A 357 -1.86 21.03 -6.38
C ALA A 357 -2.16 22.25 -7.22
N ALA A 358 -2.06 22.07 -8.53
CA ALA A 358 -2.26 23.17 -9.47
C ALA A 358 -3.21 22.79 -10.59
N ASP A 359 -4.19 23.65 -10.83
CA ASP A 359 -5.15 23.40 -11.92
C ASP A 359 -4.50 23.22 -13.29
N TYR A 360 -3.40 23.95 -13.55
CA TYR A 360 -2.73 23.85 -14.84
C TYR A 360 -1.97 22.54 -15.04
N VAL A 361 -1.64 21.84 -13.96
CA VAL A 361 -1.02 20.53 -14.09
C VAL A 361 -2.10 19.48 -14.39
N ALA A 362 -3.20 19.52 -13.63
CA ALA A 362 -4.28 18.58 -13.89
C ALA A 362 -4.79 18.73 -15.33
N MET A 363 -4.82 19.97 -15.81
CA MET A 363 -5.38 20.29 -17.13
CA MET A 363 -5.40 20.26 -17.12
C MET A 363 -4.54 19.76 -18.29
N ILE A 364 -3.35 19.24 -17.99
CA ILE A 364 -2.50 18.68 -19.05
C ILE A 364 -3.25 17.61 -19.87
N ASP A 365 -4.15 16.87 -19.23
CA ASP A 365 -5.00 15.91 -19.95
C ASP A 365 -6.49 16.24 -19.83
N GLY A 366 -6.79 17.50 -19.52
CA GLY A 366 -8.18 17.93 -19.43
C GLY A 366 -8.87 17.67 -18.10
N THR A 367 -8.11 17.21 -17.12
CA THR A 367 -8.68 16.96 -15.79
C THR A 367 -8.95 18.29 -15.10
N GLU A 368 -10.18 18.46 -14.60
CA GLU A 368 -10.60 19.72 -14.00
C GLU A 368 -10.59 19.65 -12.48
N ILE A 369 -9.74 20.47 -11.85
CA ILE A 369 -9.74 20.62 -10.39
C ILE A 369 -9.67 22.09 -10.01
N ASP A 370 -10.12 22.41 -8.79
CA ASP A 370 -10.01 23.78 -8.29
C ASP A 370 -8.57 24.13 -7.91
N GLY A 371 -7.79 23.10 -7.57
CA GLY A 371 -6.40 23.30 -7.23
C GLY A 371 -6.17 23.43 -5.74
N GLY A 372 -4.92 23.68 -5.36
CA GLY A 372 -4.58 23.84 -3.96
C GLY A 372 -4.21 25.27 -3.64
N TRP A 373 -3.34 25.46 -2.66
CA TRP A 373 -2.89 26.80 -2.29
C TRP A 373 -2.14 27.49 -3.43
N MET A 374 -1.58 26.70 -4.35
CA MET A 374 -0.95 27.26 -5.54
C MET A 374 -1.93 28.08 -6.36
N ASN A 375 -3.22 27.75 -6.26
CA ASN A 375 -4.29 28.51 -6.92
C ASN A 375 -5.12 29.36 -5.96
N HIS A 376 -4.59 29.59 -4.77
CA HIS A 376 -5.31 30.28 -3.70
C HIS A 376 -6.62 29.60 -3.32
N HIS A 377 -6.71 28.30 -3.56
CA HIS A 377 -7.86 27.54 -3.11
C HIS A 377 -7.58 27.03 -1.69
N TRP A 378 -7.77 27.90 -0.71
CA TRP A 378 -7.34 27.64 0.66
C TRP A 378 -8.06 26.45 1.27
N LYS A 379 -9.34 26.32 0.94
CA LYS A 379 -10.17 25.24 1.48
C LYS A 379 -9.69 23.83 1.12
N GLN A 380 -8.85 23.71 0.10
CA GLN A 380 -8.36 22.39 -0.31
C GLN A 380 -7.63 21.68 0.82
N LEU A 381 -6.92 22.44 1.66
CA LEU A 381 -6.14 21.80 2.72
C LEU A 381 -7.07 21.10 3.72
N GLY A 382 -8.21 21.70 4.00
CA GLY A 382 -9.21 21.09 4.86
C GLY A 382 -9.79 19.81 4.29
N TYR A 383 -10.02 19.79 2.97
CA TYR A 383 -10.50 18.56 2.31
C TYR A 383 -9.47 17.45 2.45
N GLN A 384 -8.19 17.78 2.26
CA GLN A 384 -7.12 16.79 2.44
C GLN A 384 -7.12 16.23 3.85
N LEU A 385 -7.25 17.09 4.84
CA LEU A 385 -7.24 16.66 6.23
C LEU A 385 -8.44 15.79 6.58
N ALA A 386 -9.60 16.12 6.01
CA ALA A 386 -10.80 15.30 6.21
C ALA A 386 -10.56 13.89 5.71
N GLY A 387 -9.97 13.77 4.53
CA GLY A 387 -9.62 12.47 3.99
C GLY A 387 -8.62 11.70 4.84
N SER A 388 -7.52 12.34 5.19
CA SER A 388 -6.47 11.68 5.98
CA SER A 388 -6.49 11.65 5.96
C SER A 388 -6.99 11.22 7.33
N CYS A 389 -7.79 12.06 7.98
CA CYS A 389 -8.32 11.69 9.30
C CYS A 389 -9.32 10.54 9.22
N ALA A 390 -10.18 10.56 8.20
CA ALA A 390 -11.15 9.49 8.01
C ALA A 390 -10.46 8.15 7.73
N VAL A 391 -9.47 8.16 6.85
CA VAL A 391 -8.73 6.95 6.53
C VAL A 391 -8.02 6.39 7.77
N ALA A 392 -7.31 7.26 8.49
CA ALA A 392 -6.58 6.81 9.67
C ALA A 392 -7.54 6.24 10.71
N ALA A 393 -8.65 6.94 10.95
CA ALA A 393 -9.63 6.50 11.95
C ALA A 393 -10.26 5.16 11.58
N TRP A 394 -10.72 5.02 10.34
CA TRP A 394 -11.37 3.77 9.94
C TRP A 394 -10.38 2.62 9.96
N SER A 395 -9.20 2.82 9.37
CA SER A 395 -8.20 1.76 9.34
C SER A 395 -7.74 1.35 10.73
N PHE A 396 -7.42 2.31 11.58
CA PHE A 396 -6.94 1.95 12.90
C PHE A 396 -8.02 1.23 13.70
N THR A 397 -9.24 1.77 13.69
CA THR A 397 -10.31 1.23 14.52
C THR A 397 -10.78 -0.14 14.05
N VAL A 398 -11.04 -0.27 12.76
CA VAL A 398 -11.56 -1.52 12.25
C VAL A 398 -10.49 -2.62 12.24
N THR A 399 -9.24 -2.26 11.91
CA THR A 399 -8.16 -3.24 12.02
C THR A 399 -8.03 -3.73 13.46
N SER A 400 -8.12 -2.81 14.43
CA SER A 400 -8.08 -3.20 15.85
C SER A 400 -9.18 -4.23 16.17
N ILE A 401 -10.38 -3.95 15.71
CA ILE A 401 -11.51 -4.84 15.94
C ILE A 401 -11.29 -6.23 15.36
N ILE A 402 -10.82 -6.30 14.12
CA ILE A 402 -10.57 -7.59 13.50
C ILE A 402 -9.49 -8.38 14.24
N LEU A 403 -8.37 -7.72 14.54
CA LEU A 403 -7.27 -8.39 15.22
C LEU A 403 -7.71 -8.96 16.55
N LEU A 404 -8.48 -8.18 17.30
CA LEU A 404 -8.91 -8.62 18.62
C LEU A 404 -10.01 -9.68 18.57
N ALA A 405 -10.91 -9.58 17.61
CA ALA A 405 -11.94 -10.59 17.43
C ALA A 405 -11.34 -11.94 17.06
N MET A 406 -10.35 -11.93 16.16
CA MET A 406 -9.67 -13.17 15.78
C MET A 406 -8.83 -13.71 16.92
N ASP A 407 -8.29 -12.80 17.73
CA ASP A 407 -7.46 -13.20 18.87
C ASP A 407 -8.25 -14.01 19.90
N ARG A 408 -9.55 -13.75 19.98
CA ARG A 408 -10.41 -14.40 20.95
C ARG A 408 -10.92 -15.76 20.47
N ILE A 409 -10.64 -16.07 19.21
CA ILE A 409 -11.03 -17.34 18.62
C ILE A 409 -9.79 -18.18 18.43
N PRO A 410 -9.66 -19.28 19.18
CA PRO A 410 -8.43 -20.09 19.19
C PRO A 410 -7.89 -20.45 17.80
N PHE A 411 -8.75 -20.88 16.88
CA PHE A 411 -8.25 -21.32 15.58
C PHE A 411 -8.03 -20.18 14.59
N LEU A 412 -8.42 -18.97 14.97
CA LEU A 412 -8.22 -17.80 14.10
C LEU A 412 -7.19 -16.83 14.66
N ARG A 413 -6.72 -17.08 15.88
CA ARG A 413 -5.71 -16.23 16.50
C ARG A 413 -4.49 -16.11 15.59
N ILE A 414 -4.16 -14.87 15.19
CA ILE A 414 -3.11 -14.65 14.20
C ILE A 414 -1.73 -14.86 14.80
N ARG A 415 -1.58 -14.42 16.04
CA ARG A 415 -0.33 -14.54 16.76
C ARG A 415 -0.62 -15.16 18.12
N LEU A 416 0.06 -16.27 18.42
CA LEU A 416 -0.14 -16.92 19.70
C LEU A 416 0.43 -16.06 20.80
N HIS A 417 -0.11 -16.21 22.00
CA HIS A 417 0.46 -15.50 23.11
C HIS A 417 1.78 -16.19 23.44
N GLU A 418 2.77 -15.43 23.92
CA GLU A 418 4.10 -15.98 24.18
C GLU A 418 4.10 -17.19 25.12
N ASP A 419 3.14 -17.24 26.04
CA ASP A 419 3.08 -18.31 27.01
C ASP A 419 2.43 -19.60 26.49
N GLU A 420 1.91 -19.58 25.27
CA GLU A 420 1.27 -20.77 24.72
C GLU A 420 2.08 -21.31 23.56
N GLU A 421 3.18 -20.62 23.27
CA GLU A 421 3.99 -20.86 22.09
C GLU A 421 5.23 -21.70 22.42
N MET A 422 5.44 -22.77 21.67
CA MET A 422 6.60 -23.61 21.93
C MET A 422 7.84 -23.12 21.18
N LEU A 423 9.00 -23.33 21.78
CA LEU A 423 10.27 -22.90 21.19
C LEU A 423 10.65 -23.81 20.02
N GLY A 424 11.17 -23.19 18.95
CA GLY A 424 11.62 -23.94 17.79
C GLY A 424 12.68 -24.96 18.13
N THR A 425 13.53 -24.63 19.11
CA THR A 425 14.59 -25.54 19.53
C THR A 425 14.04 -26.75 20.28
N ASP A 426 12.87 -26.59 20.91
CA ASP A 426 12.24 -27.70 21.61
C ASP A 426 11.40 -28.55 20.66
N LEU A 427 10.75 -27.91 19.70
CA LEU A 427 10.00 -28.64 18.68
C LEU A 427 10.94 -29.57 17.91
N ALA A 428 12.14 -29.08 17.63
CA ALA A 428 13.12 -29.82 16.85
C ALA A 428 13.57 -31.12 17.52
N GLN A 429 13.29 -31.25 18.82
CA GLN A 429 13.67 -32.46 19.57
C GLN A 429 12.57 -33.52 19.49
N ILE A 430 11.41 -33.11 18.99
CA ILE A 430 10.29 -34.03 18.81
C ILE A 430 10.31 -34.59 17.38
N GLY A 431 10.06 -35.89 17.25
CA GLY A 431 10.13 -36.55 15.96
C GLY A 431 9.19 -35.97 14.91
N GLU A 432 7.95 -35.71 15.31
CA GLU A 432 6.93 -35.22 14.39
C GLU A 432 7.10 -33.73 14.07
N TYR A 433 8.15 -33.12 14.64
CA TYR A 433 8.43 -31.71 14.38
C TYR A 433 9.92 -31.47 14.17
N ALA A 434 10.63 -32.52 13.77
CA ALA A 434 12.08 -32.45 13.61
C ALA A 434 12.52 -31.39 12.60
N TYR A 435 11.62 -31.04 11.69
CA TYR A 435 11.93 -30.07 10.63
C TYR A 435 12.11 -28.63 11.15
N TYR A 436 11.73 -28.39 12.40
CA TYR A 436 11.97 -27.10 13.03
C TYR A 436 13.44 -26.84 13.32
N ALA A 437 14.26 -27.89 13.18
CA ALA A 437 15.71 -27.76 13.33
C ALA A 437 16.29 -26.82 12.27
N ASP A 438 15.76 -26.88 11.05
CA ASP A 438 16.19 -26.00 9.98
C ASP A 438 15.45 -24.67 10.06
N ASP A 439 16.03 -23.74 10.83
CA ASP A 439 15.42 -22.43 11.04
C ASP A 439 15.79 -21.44 9.93
N ASP A 440 16.24 -21.96 8.80
CA ASP A 440 16.66 -21.13 7.67
C ASP A 440 15.72 -21.29 6.47
N PRO A 441 14.89 -20.27 6.20
CA PRO A 441 13.88 -20.34 5.14
C PRO A 441 14.44 -20.56 3.72
N GLU A 442 15.76 -20.46 3.54
CA GLU A 442 16.39 -20.71 2.24
C GLU A 442 16.40 -22.20 1.86
N THR A 443 16.33 -23.08 2.85
CA THR A 443 16.42 -24.51 2.59
C THR A 443 15.22 -25.32 3.07
N ASN A 444 14.44 -24.73 3.96
CA ASN A 444 13.33 -25.46 4.58
C ASN A 444 12.11 -25.46 3.66
N PRO A 445 11.61 -26.66 3.32
CA PRO A 445 10.42 -26.85 2.49
C PRO A 445 9.14 -26.41 3.22
N TYR A 446 9.20 -26.21 4.54
CA TYR A 446 8.01 -25.88 5.29
C TYR A 446 8.13 -24.57 6.07
N VAL A 447 7.02 -23.85 6.14
CA VAL A 447 6.93 -22.67 6.98
C VAL A 447 7.09 -23.11 8.44
N LEU A 448 7.92 -22.38 9.19
CA LEU A 448 8.12 -22.69 10.60
C LEU A 448 6.98 -22.07 11.39
N GLU A 449 5.81 -22.68 11.24
CA GLU A 449 4.56 -22.22 11.82
C GLU A 449 4.60 -22.27 13.35
N PRO A 450 4.12 -21.20 14.01
CA PRO A 450 4.03 -21.23 15.47
C PRO A 450 3.12 -22.37 15.93
N ILE A 451 3.56 -23.12 16.94
CA ILE A 451 2.82 -24.27 17.43
C ILE A 451 2.41 -24.05 18.88
N ARG A 452 1.16 -24.37 19.20
CA ARG A 452 0.69 -24.31 20.58
C ARG A 452 1.31 -25.40 21.45
N SER A 453 1.84 -25.00 22.60
CA SER A 453 2.43 -25.93 23.55
C SER A 453 1.35 -26.62 24.39
N THR A 454 0.26 -27.03 23.74
CA THR A 454 -0.76 -27.85 24.37
C THR A 454 -0.93 -29.13 23.58
N THR A 455 -0.03 -29.34 22.62
CA THR A 455 0.01 -30.58 21.86
C THR A 455 1.44 -31.05 21.68
#